data_6SF2
#
_entry.id   6SF2
#
_cell.length_a   72.610
_cell.length_b   72.610
_cell.length_c   438.485
_cell.angle_alpha   90.000
_cell.angle_beta   90.000
_cell.angle_gamma   120.000
#
_symmetry.space_group_name_H-M   'P 61'
#
loop_
_entity.id
_entity.type
_entity.pdbx_description
1 polymer 'Serine/threonine-protein kinase receptor R3'
2 polymer 'Growth/differentiation factor 2'
3 polymer 'Growth/differentiation factor 2'
4 non-polymer 2-acetamido-2-deoxy-beta-D-glucopyranose
5 water water
#
loop_
_entity_poly.entity_id
_entity_poly.type
_entity_poly.pdbx_seq_one_letter_code
_entity_poly.pdbx_strand_id
1 'polypeptide(L)'
;GDPVKPSRGPLVTCTCESPHCKGPTCRGAWCTVVLVREEGRHPQEHRGCGNLHRELCRGRPTEFVNHYCCDSHLCNHNVS
LVLEATQPPSEQPGTDGQ
;
A,D
2 'polypeptide(L)'
;SAGAGSHCQKTSLRVNFEDIGWDSWIIAPKEYEAYECKGGCFFPLADDVTPTKHAIVQTLVHLKFPTKVGKACCVPTKLS
PISVLYKDDMGVPTLKYHYEGMSVAECGCR
;
B,E
3 'polypeptide(L)'
;KPLQSWGRGSAGGNAHSPLGVPGGGLPEHTFNLKMFLENVKVDFLRSLNLSGVPSQDKTRVEPPQYMIDLYNRYTSDKST
TPASNIVRSFSMEDAISITATEDFPFQKHILLFNISIPRHEQITRAELRLYVSCQNHVDPSHDLKGSVVIYDVLDGTDAW
DSATETKTFLVSQDIQDEGWETLEVSSAVKRWVRSDSTKSKNKLEVTVESHRKGCDTLDISVPPGSRNLPFFVVFSNDHS
SGTKETRLELREMISHEQESVLKKLSKDGSTEAGESSHEEDTDGHVAAGSTLARRKR
;
C,F
#
# COMPACT_ATOMS: atom_id res chain seq x y z
N PRO A 10 19.94 12.86 9.46
CA PRO A 10 19.74 14.01 10.36
C PRO A 10 18.46 13.90 11.18
N LEU A 11 18.62 13.66 12.48
CA LEU A 11 17.51 13.50 13.41
C LEU A 11 17.55 14.59 14.47
N VAL A 12 16.38 14.97 14.95
CA VAL A 12 16.22 16.05 15.91
C VAL A 12 15.57 15.49 17.17
N THR A 13 15.93 16.08 18.32
CA THR A 13 15.38 15.68 19.61
C THR A 13 14.12 16.48 19.91
N CYS A 14 13.07 15.78 20.35
CA CYS A 14 11.77 16.39 20.58
C CYS A 14 11.27 16.02 21.97
N THR A 15 10.43 16.89 22.53
CA THR A 15 9.74 16.59 23.78
C THR A 15 8.75 15.46 23.57
N CYS A 16 8.69 14.54 24.52
CA CYS A 16 7.85 13.34 24.41
C CYS A 16 6.88 13.30 25.59
N GLU A 17 5.67 13.81 25.36
CA GLU A 17 4.56 13.72 26.31
C GLU A 17 3.41 13.05 25.58
N SER A 18 3.34 11.72 25.68
CA SER A 18 2.37 10.92 24.95
C SER A 18 2.39 9.50 25.52
N PRO A 19 1.30 8.75 25.35
CA PRO A 19 1.30 7.36 25.83
C PRO A 19 2.29 6.47 25.09
N HIS A 20 2.60 6.78 23.83
CA HIS A 20 3.57 6.00 23.08
C HIS A 20 5.01 6.29 23.48
N CYS A 21 5.23 7.25 24.36
CA CYS A 21 6.58 7.65 24.73
C CYS A 21 7.20 6.68 25.72
N LYS A 22 8.50 6.43 25.55
CA LYS A 22 9.31 5.66 26.48
C LYS A 22 10.44 6.58 26.95
N GLY A 23 10.08 7.52 27.83
CA GLY A 23 11.00 8.54 28.26
C GLY A 23 10.50 9.94 27.93
N PRO A 24 11.21 10.96 28.41
CA PRO A 24 10.73 12.34 28.21
C PRO A 24 11.05 12.93 26.85
N THR A 25 11.97 12.34 26.09
CA THR A 25 12.29 12.84 24.77
C THR A 25 12.44 11.67 23.80
N CYS A 26 12.36 11.99 22.51
CA CYS A 26 12.60 11.03 21.44
C CYS A 26 13.44 11.71 20.37
N ARG A 27 13.92 10.92 19.42
CA ARG A 27 14.64 11.43 18.26
C ARG A 27 13.91 11.00 17.00
N GLY A 28 13.74 11.94 16.08
CA GLY A 28 13.03 11.68 14.84
C GLY A 28 13.36 12.73 13.82
N ALA A 29 12.69 12.63 12.67
CA ALA A 29 12.97 13.57 11.58
C ALA A 29 12.47 14.98 11.90
N TRP A 30 11.37 15.10 12.62
CA TRP A 30 10.87 16.40 13.06
C TRP A 30 10.06 16.22 14.33
N CYS A 31 9.64 17.35 14.91
CA CYS A 31 8.86 17.37 16.13
C CYS A 31 7.41 17.73 15.83
N THR A 32 6.50 17.16 16.61
CA THR A 32 5.07 17.33 16.38
C THR A 32 4.34 17.63 17.69
N VAL A 33 3.31 18.46 17.58
CA VAL A 33 2.31 18.66 18.63
C VAL A 33 0.94 18.53 17.99
N VAL A 34 0.16 17.55 18.44
CA VAL A 34 -1.11 17.21 17.83
C VAL A 34 -2.20 17.26 18.90
N LEU A 35 -3.28 17.98 18.60
CA LEU A 35 -4.43 18.12 19.50
C LEU A 35 -5.64 17.49 18.82
N VAL A 36 -6.14 16.40 19.39
CA VAL A 36 -7.24 15.64 18.81
C VAL A 36 -8.44 15.75 19.73
N ARG A 37 -9.62 15.91 19.14
CA ARG A 37 -10.87 15.96 19.90
C ARG A 37 -11.88 15.04 19.22
N GLU A 38 -12.19 13.93 19.87
CA GLU A 38 -13.28 13.08 19.41
C GLU A 38 -14.61 13.76 19.68
N GLU A 39 -15.62 13.38 18.89
CA GLU A 39 -16.93 14.02 18.98
C GLU A 39 -17.52 13.92 20.37
N GLY A 40 -17.24 12.83 21.09
CA GLY A 40 -17.85 12.62 22.40
C GLY A 40 -16.96 12.90 23.59
N ARG A 41 -15.64 12.87 23.40
CA ARG A 41 -14.71 12.93 24.51
C ARG A 41 -14.04 14.30 24.59
N HIS A 42 -13.31 14.50 25.68
CA HIS A 42 -12.53 15.72 25.84
C HIS A 42 -11.29 15.66 24.94
N PRO A 43 -10.81 16.80 24.46
CA PRO A 43 -9.66 16.78 23.56
C PRO A 43 -8.39 16.37 24.29
N GLN A 44 -7.46 15.79 23.54
CA GLN A 44 -6.18 15.35 24.08
C GLN A 44 -5.05 15.98 23.26
N GLU A 45 -3.91 16.15 23.91
CA GLU A 45 -2.76 16.81 23.30
C GLU A 45 -1.54 15.90 23.45
N HIS A 46 -0.84 15.66 22.35
CA HIS A 46 0.33 14.81 22.34
C HIS A 46 1.54 15.58 21.86
N ARG A 47 2.72 15.17 22.34
CA ARG A 47 3.99 15.74 21.93
C ARG A 47 4.97 14.61 21.68
N GLY A 48 5.59 14.61 20.52
CA GLY A 48 6.46 13.51 20.15
C GLY A 48 7.17 13.76 18.85
N CYS A 49 7.76 12.70 18.32
CA CYS A 49 8.50 12.74 17.07
C CYS A 49 7.63 12.32 15.89
N GLY A 50 7.98 12.82 14.72
CA GLY A 50 7.29 12.43 13.50
C GLY A 50 8.28 12.04 12.43
N ASN A 51 7.94 10.98 11.69
CA ASN A 51 8.86 10.44 10.69
C ASN A 51 8.26 10.08 9.35
N LEU A 52 6.96 9.82 9.24
CA LEU A 52 6.41 9.18 8.05
C LEU A 52 5.65 10.13 7.14
N HIS A 53 4.63 10.82 7.63
CA HIS A 53 3.71 11.58 6.79
C HIS A 53 3.87 13.08 7.09
N ARG A 54 4.79 13.73 6.39
CA ARG A 54 4.97 15.16 6.56
C ARG A 54 3.82 15.96 5.99
N GLU A 55 3.01 15.36 5.10
CA GLU A 55 1.87 16.08 4.52
C GLU A 55 0.89 16.54 5.61
N LEU A 56 0.77 15.78 6.69
CA LEU A 56 -0.11 16.17 7.79
C LEU A 56 0.28 17.54 8.35
N CYS A 57 1.56 17.89 8.28
CA CYS A 57 2.02 19.18 8.81
C CYS A 57 1.46 20.35 8.02
N ARG A 58 1.23 20.18 6.71
CA ARG A 58 0.77 21.28 5.88
C ARG A 58 -0.73 21.55 6.00
N GLY A 59 -1.47 20.67 6.66
CA GLY A 59 -2.91 20.87 6.76
C GLY A 59 -3.27 21.99 7.72
N ARG A 60 -4.39 22.66 7.41
CA ARG A 60 -4.92 23.70 8.28
C ARG A 60 -5.70 23.08 9.44
N PRO A 61 -5.61 23.66 10.64
CA PRO A 61 -6.34 23.09 11.78
C PRO A 61 -7.85 23.16 11.58
N THR A 62 -8.52 22.11 12.03
CA THR A 62 -9.98 22.00 11.97
C THR A 62 -10.55 22.00 13.38
N GLU A 63 -11.85 21.75 13.48
CA GLU A 63 -12.49 21.63 14.79
C GLU A 63 -12.19 20.32 15.49
N PHE A 64 -11.51 19.38 14.83
CA PHE A 64 -11.21 18.07 15.39
C PHE A 64 -9.74 17.84 15.68
N VAL A 65 -8.85 18.31 14.82
CA VAL A 65 -7.43 18.01 14.92
C VAL A 65 -6.61 19.27 14.62
N ASN A 66 -5.53 19.46 15.37
CA ASN A 66 -4.58 20.54 15.14
C ASN A 66 -3.19 19.92 15.14
N HIS A 67 -2.65 19.67 13.95
CA HIS A 67 -1.38 18.96 13.79
C HIS A 67 -0.29 19.97 13.45
N TYR A 68 0.58 20.23 14.43
CA TYR A 68 1.66 21.22 14.30
C TYR A 68 3.00 20.51 14.25
N CYS A 69 3.89 21.02 13.40
CA CYS A 69 5.23 20.45 13.24
C CYS A 69 6.27 21.56 13.27
N CYS A 70 7.49 21.19 13.67
CA CYS A 70 8.62 22.11 13.66
C CYS A 70 9.90 21.29 13.60
N ASP A 71 10.97 21.93 13.13
CA ASP A 71 12.22 21.26 12.79
C ASP A 71 13.39 21.64 13.70
N SER A 72 13.12 22.27 14.83
CA SER A 72 14.17 22.74 15.72
C SER A 72 14.31 21.80 16.92
N HIS A 73 15.45 21.93 17.62
CA HIS A 73 15.71 21.12 18.79
C HIS A 73 14.76 21.48 19.92
N LEU A 74 13.94 20.52 20.34
CA LEU A 74 12.97 20.70 21.42
C LEU A 74 12.02 21.87 21.14
N CYS A 75 11.68 22.08 19.87
CA CYS A 75 10.78 23.16 19.49
C CYS A 75 9.34 22.89 19.93
N ASN A 76 9.00 21.64 20.23
CA ASN A 76 7.65 21.23 20.59
C ASN A 76 7.41 21.25 22.10
N HIS A 77 8.26 21.96 22.86
CA HIS A 77 8.23 21.84 24.31
C HIS A 77 7.07 22.60 24.94
N ASN A 78 6.98 23.91 24.69
CA ASN A 78 6.06 24.76 25.44
C ASN A 78 4.96 25.36 24.57
N VAL A 79 4.80 24.94 23.33
CA VAL A 79 3.79 25.51 22.45
C VAL A 79 2.42 24.94 22.82
N SER A 80 1.42 25.81 22.79
CA SER A 80 0.02 25.45 23.07
C SER A 80 -0.80 25.70 21.81
N LEU A 81 -1.79 24.85 21.57
CA LEU A 81 -2.60 24.93 20.37
C LEU A 81 -4.08 25.12 20.72
N VAL A 82 -4.85 25.51 19.71
CA VAL A 82 -6.28 25.76 19.83
C VAL A 82 -6.98 24.99 18.72
N LEU A 83 -8.30 24.86 18.85
CA LEU A 83 -9.13 24.17 17.89
C LEU A 83 -10.21 25.10 17.34
N GLU A 84 -10.71 24.75 16.15
CA GLU A 84 -11.70 25.47 15.36
C GLU A 84 -11.02 26.53 14.49
N SER B 6 -4.85 -1.03 24.95
CA SER B 6 -5.97 -0.49 24.21
C SER B 6 -5.52 0.05 22.86
N HIS B 7 -4.29 -0.27 22.46
CA HIS B 7 -3.75 0.15 21.18
C HIS B 7 -3.30 -1.07 20.39
N CYS B 8 -3.17 -0.88 19.08
CA CYS B 8 -2.82 -1.96 18.16
C CYS B 8 -1.48 -2.58 18.55
N GLN B 9 -1.51 -3.85 18.94
CA GLN B 9 -0.29 -4.55 19.35
C GLN B 9 -0.49 -6.04 19.14
N LYS B 10 0.61 -6.78 19.33
CA LYS B 10 0.61 -8.23 19.15
C LYS B 10 0.39 -8.92 20.50
N THR B 11 -0.56 -9.84 20.54
CA THR B 11 -0.89 -10.59 21.73
C THR B 11 -0.65 -12.08 21.49
N SER B 12 -0.43 -12.82 22.58
CA SER B 12 -0.25 -14.25 22.49
C SER B 12 -1.57 -14.96 22.25
N LEU B 13 -1.55 -15.96 21.37
CA LEU B 13 -2.71 -16.79 21.11
C LEU B 13 -2.24 -18.20 20.78
N ARG B 14 -2.61 -19.17 21.62
CA ARG B 14 -2.20 -20.55 21.42
C ARG B 14 -3.34 -21.31 20.74
N VAL B 15 -3.05 -21.88 19.58
CA VAL B 15 -4.03 -22.61 18.77
C VAL B 15 -3.80 -24.09 18.95
N ASN B 16 -4.80 -24.79 19.48
CA ASN B 16 -4.76 -26.24 19.64
C ASN B 16 -5.63 -26.84 18.54
N PHE B 17 -5.00 -27.56 17.60
CA PHE B 17 -5.70 -28.04 16.42
C PHE B 17 -6.86 -28.95 16.75
N GLU B 18 -6.86 -29.56 17.94
CA GLU B 18 -8.01 -30.36 18.35
C GLU B 18 -9.26 -29.51 18.56
N ASP B 19 -9.07 -28.23 18.88
CA ASP B 19 -10.22 -27.35 19.11
C ASP B 19 -10.96 -27.01 17.82
N ILE B 20 -10.25 -26.96 16.69
CA ILE B 20 -10.86 -26.61 15.42
C ILE B 20 -11.13 -27.82 14.54
N GLY B 21 -10.84 -29.02 15.03
CA GLY B 21 -11.09 -30.22 14.25
C GLY B 21 -10.02 -30.56 13.23
N TRP B 22 -8.87 -29.89 13.27
CA TRP B 22 -7.78 -30.17 12.34
C TRP B 22 -6.85 -31.26 12.86
N ASP B 23 -7.13 -31.84 14.03
CA ASP B 23 -6.33 -32.94 14.53
C ASP B 23 -6.47 -34.20 13.68
N SER B 24 -7.49 -34.25 12.82
CA SER B 24 -7.70 -35.44 11.99
C SER B 24 -6.60 -35.60 10.96
N TRP B 25 -6.13 -34.48 10.37
CA TRP B 25 -5.13 -34.55 9.32
C TRP B 25 -3.78 -33.95 9.72
N ILE B 26 -3.73 -33.08 10.72
CA ILE B 26 -2.46 -32.54 11.20
C ILE B 26 -1.85 -33.54 12.17
N ILE B 27 -0.65 -34.00 11.86
CA ILE B 27 0.05 -34.96 12.71
C ILE B 27 0.86 -34.26 13.78
N ALA B 28 1.65 -33.25 13.40
CA ALA B 28 2.45 -32.48 14.33
C ALA B 28 2.69 -31.11 13.73
N PRO B 29 2.68 -30.04 14.55
CA PRO B 29 2.50 -30.08 16.01
C PRO B 29 1.04 -30.19 16.43
N LYS B 30 0.80 -30.59 17.68
CA LYS B 30 -0.55 -30.64 18.19
C LYS B 30 -1.09 -29.25 18.48
N GLU B 31 -0.23 -28.34 18.93
CA GLU B 31 -0.60 -26.95 19.12
C GLU B 31 0.63 -26.09 18.87
N TYR B 32 0.39 -24.80 18.61
CA TYR B 32 1.47 -23.88 18.29
C TYR B 32 1.02 -22.46 18.62
N GLU B 33 1.98 -21.53 18.55
CA GLU B 33 1.76 -20.14 18.93
C GLU B 33 1.54 -19.32 17.66
N ALA B 34 0.28 -18.94 17.41
CA ALA B 34 -0.09 -18.03 16.34
C ALA B 34 -0.68 -16.78 16.98
N TYR B 35 0.03 -15.67 16.87
CA TYR B 35 -0.31 -14.47 17.64
C TYR B 35 -1.60 -13.84 17.13
N GLU B 36 -2.04 -12.79 17.82
CA GLU B 36 -3.22 -12.03 17.47
C GLU B 36 -2.90 -10.54 17.55
N CYS B 37 -3.60 -9.74 16.74
CA CYS B 37 -3.45 -8.29 16.73
C CYS B 37 -4.67 -7.68 17.41
N LYS B 38 -4.48 -7.22 18.65
CA LYS B 38 -5.52 -6.57 19.43
C LYS B 38 -5.24 -5.09 19.56
N GLY B 39 -6.26 -4.33 19.93
CA GLY B 39 -6.15 -2.92 20.17
C GLY B 39 -6.75 -2.09 19.04
N GLY B 40 -6.93 -0.80 19.35
CA GLY B 40 -7.54 0.14 18.44
C GLY B 40 -6.53 1.01 17.71
N CYS B 41 -7.01 1.65 16.65
CA CYS B 41 -6.21 2.57 15.83
C CYS B 41 -6.69 3.99 16.10
N PHE B 42 -6.11 4.63 17.11
CA PHE B 42 -6.51 5.96 17.54
C PHE B 42 -5.52 7.00 17.03
N PHE B 43 -6.05 8.07 16.46
CA PHE B 43 -5.21 9.17 15.99
C PHE B 43 -4.60 9.90 17.18
N PRO B 44 -3.31 10.27 17.11
CA PRO B 44 -2.38 10.05 15.99
C PRO B 44 -1.82 8.62 15.93
N LEU B 45 -1.73 8.07 14.73
CA LEU B 45 -1.26 6.70 14.55
C LEU B 45 0.25 6.64 14.63
N ALA B 46 0.75 5.69 15.44
CA ALA B 46 2.18 5.57 15.70
C ALA B 46 2.94 5.08 14.47
N ASP B 47 4.26 5.26 14.51
CA ASP B 47 5.11 4.86 13.39
C ASP B 47 5.25 3.34 13.31
N ASP B 48 5.41 2.68 14.45
CA ASP B 48 5.55 1.22 14.45
C ASP B 48 4.30 0.53 13.91
N VAL B 49 3.16 1.22 13.94
CA VAL B 49 1.95 0.71 13.30
C VAL B 49 2.08 0.76 11.78
N THR B 50 2.90 1.66 11.26
CA THR B 50 3.09 1.85 9.83
C THR B 50 1.77 2.05 9.08
N PRO B 51 1.04 3.12 9.38
CA PRO B 51 -0.24 3.35 8.70
C PRO B 51 -0.03 3.76 7.26
N THR B 52 -0.99 3.38 6.41
CA THR B 52 -0.98 3.79 5.02
C THR B 52 -1.69 5.14 4.87
N LYS B 53 -1.52 5.75 3.69
CA LYS B 53 -2.14 7.05 3.42
C LYS B 53 -3.66 6.96 3.50
N HIS B 54 -4.23 5.87 2.99
CA HIS B 54 -5.69 5.71 3.06
C HIS B 54 -6.16 5.56 4.50
N ALA B 55 -5.35 4.90 5.34
CA ALA B 55 -5.73 4.75 6.75
C ALA B 55 -5.78 6.10 7.46
N ILE B 56 -4.86 7.00 7.12
CA ILE B 56 -4.87 8.33 7.72
C ILE B 56 -6.07 9.13 7.23
N VAL B 57 -6.34 9.09 5.92
CA VAL B 57 -7.47 9.83 5.36
C VAL B 57 -8.77 9.35 5.98
N GLN B 58 -8.98 8.02 5.99
CA GLN B 58 -10.21 7.47 6.54
C GLN B 58 -10.35 7.79 8.02
N THR B 59 -9.22 7.87 8.74
CA THR B 59 -9.27 8.22 10.16
C THR B 59 -9.70 9.68 10.34
N LEU B 60 -9.11 10.58 9.55
CA LEU B 60 -9.47 11.99 9.64
C LEU B 60 -10.93 12.22 9.23
N VAL B 61 -11.38 11.52 8.19
CA VAL B 61 -12.78 11.61 7.80
C VAL B 61 -13.68 11.02 8.89
N HIS B 62 -13.23 9.94 9.52
CA HIS B 62 -14.02 9.34 10.59
C HIS B 62 -14.23 10.29 11.76
N LEU B 63 -13.22 11.10 12.07
CA LEU B 63 -13.33 12.03 13.19
C LEU B 63 -14.50 13.00 13.02
N LYS B 64 -14.79 13.40 11.79
CA LYS B 64 -15.90 14.33 11.57
C LYS B 64 -17.23 13.59 11.51
N PHE B 65 -17.27 12.42 10.88
CA PHE B 65 -18.48 11.63 10.70
C PHE B 65 -18.28 10.25 11.34
N PRO B 66 -18.31 10.17 12.67
CA PRO B 66 -18.07 8.88 13.33
C PRO B 66 -19.15 7.85 13.05
N THR B 67 -20.38 8.29 12.75
CA THR B 67 -21.47 7.35 12.50
C THR B 67 -21.49 6.86 11.06
N LYS B 68 -20.99 7.67 10.13
CA LYS B 68 -20.97 7.30 8.72
C LYS B 68 -19.68 6.55 8.34
N VAL B 69 -18.54 7.00 8.85
CA VAL B 69 -17.25 6.39 8.54
C VAL B 69 -16.67 5.78 9.81
N GLY B 70 -15.93 4.68 9.65
CA GLY B 70 -15.34 3.97 10.75
C GLY B 70 -13.83 4.11 10.79
N LYS B 71 -13.26 3.72 11.93
CA LYS B 71 -11.83 3.81 12.15
C LYS B 71 -11.09 2.74 11.37
N ALA B 72 -9.76 2.92 11.25
CA ALA B 72 -8.90 1.89 10.72
C ALA B 72 -8.87 0.69 11.67
N CYS B 73 -8.48 -0.46 11.14
CA CYS B 73 -8.50 -1.70 11.89
CA CYS B 73 -8.50 -1.71 11.88
C CYS B 73 -7.09 -2.24 12.09
N CYS B 74 -6.87 -2.87 13.24
CA CYS B 74 -5.58 -3.45 13.61
C CYS B 74 -5.52 -4.89 13.09
N VAL B 75 -4.68 -5.12 12.08
CA VAL B 75 -4.62 -6.41 11.41
C VAL B 75 -3.17 -6.84 11.29
N PRO B 76 -2.93 -8.13 11.08
CA PRO B 76 -1.57 -8.59 10.81
C PRO B 76 -1.08 -8.11 9.45
N THR B 77 0.10 -7.48 9.44
CA THR B 77 0.68 -6.95 8.23
C THR B 77 1.82 -7.80 7.69
N LYS B 78 2.26 -8.82 8.43
CA LYS B 78 3.28 -9.74 7.95
C LYS B 78 3.08 -11.08 8.66
N LEU B 79 3.18 -12.16 7.89
CA LEU B 79 2.93 -13.51 8.38
C LEU B 79 4.18 -14.37 8.22
N SER B 80 4.45 -15.20 9.24
CA SER B 80 5.61 -16.09 9.25
C SER B 80 5.17 -17.55 9.10
N PRO B 81 5.95 -18.36 8.39
CA PRO B 81 5.61 -19.78 8.22
C PRO B 81 6.10 -20.64 9.38
N ILE B 82 5.52 -21.84 9.47
CA ILE B 82 5.92 -22.86 10.43
C ILE B 82 6.07 -24.19 9.69
N SER B 83 6.74 -25.13 10.35
CA SER B 83 6.89 -26.48 9.83
C SER B 83 5.78 -27.37 10.36
N VAL B 84 5.16 -28.15 9.48
CA VAL B 84 4.04 -29.01 9.86
C VAL B 84 4.14 -30.32 9.08
N LEU B 85 3.71 -31.39 9.73
CA LEU B 85 3.62 -32.72 9.14
C LEU B 85 2.16 -33.16 9.17
N TYR B 86 1.60 -33.45 8.00
CA TYR B 86 0.16 -33.71 7.90
C TYR B 86 -0.07 -34.81 6.87
N LYS B 87 -1.34 -35.09 6.61
CA LYS B 87 -1.77 -36.01 5.57
C LYS B 87 -2.68 -35.28 4.60
N ASP B 88 -2.45 -35.46 3.30
CA ASP B 88 -3.23 -34.78 2.29
C ASP B 88 -4.55 -35.51 2.03
N ASP B 89 -5.21 -35.18 0.92
CA ASP B 89 -6.51 -35.79 0.62
C ASP B 89 -6.40 -37.30 0.49
N MET B 90 -5.35 -37.78 -0.16
CA MET B 90 -5.17 -39.22 -0.34
C MET B 90 -4.63 -39.92 0.91
N GLY B 91 -4.14 -39.16 1.89
CA GLY B 91 -3.62 -39.75 3.10
C GLY B 91 -2.11 -39.87 3.16
N VAL B 92 -1.39 -39.36 2.16
CA VAL B 92 0.07 -39.45 2.12
C VAL B 92 0.66 -38.52 3.17
N PRO B 93 1.42 -39.05 4.14
CA PRO B 93 2.09 -38.17 5.12
C PRO B 93 3.10 -37.24 4.45
N THR B 94 2.82 -35.95 4.47
CA THR B 94 3.66 -34.93 3.84
C THR B 94 4.20 -33.99 4.91
N LEU B 95 5.45 -33.57 4.74
CA LEU B 95 6.11 -32.65 5.65
C LEU B 95 6.54 -31.40 4.89
N LYS B 96 5.98 -30.26 5.27
CA LYS B 96 6.31 -28.98 4.66
C LYS B 96 7.12 -28.16 5.65
N TYR B 97 8.30 -27.71 5.22
CA TYR B 97 9.17 -26.93 6.10
C TYR B 97 8.65 -25.51 6.28
N HIS B 98 8.02 -24.94 5.25
CA HIS B 98 7.52 -23.57 5.30
C HIS B 98 6.03 -23.58 4.96
N TYR B 99 5.21 -23.92 5.95
CA TYR B 99 3.76 -23.78 5.83
C TYR B 99 3.42 -22.32 6.07
N GLU B 100 3.25 -21.56 5.00
CA GLU B 100 3.21 -20.11 5.08
C GLU B 100 1.89 -19.60 5.63
N GLY B 101 1.94 -18.41 6.21
CA GLY B 101 0.74 -17.72 6.66
C GLY B 101 0.16 -18.19 7.97
N MET B 102 0.96 -18.85 8.81
CA MET B 102 0.44 -19.45 10.04
C MET B 102 0.61 -18.59 11.27
N SER B 103 1.59 -17.70 11.32
CA SER B 103 1.90 -16.93 12.51
C SER B 103 2.06 -15.45 12.17
N VAL B 104 1.67 -14.60 13.11
CA VAL B 104 1.70 -13.15 12.91
C VAL B 104 3.10 -12.64 13.22
N ALA B 105 3.73 -12.01 12.24
CA ALA B 105 5.03 -11.37 12.44
C ALA B 105 4.91 -9.94 12.95
N GLU B 106 4.01 -9.15 12.35
CA GLU B 106 3.85 -7.75 12.71
C GLU B 106 2.37 -7.37 12.59
N CYS B 107 1.97 -6.37 13.35
CA CYS B 107 0.63 -5.79 13.27
C CYS B 107 0.70 -4.38 12.69
N GLY B 108 -0.46 -3.85 12.32
CA GLY B 108 -0.54 -2.50 11.79
C GLY B 108 -1.98 -2.08 11.62
N CYS B 109 -2.15 -0.80 11.29
CA CYS B 109 -3.46 -0.22 11.05
C CYS B 109 -3.66 -0.01 9.55
N ARG B 110 -4.73 -0.57 9.00
CA ARG B 110 -5.01 -0.45 7.58
C ARG B 110 -6.46 -0.01 7.37
N GLU C 62 -1.07 -44.73 10.30
CA GLU C 62 0.10 -44.27 11.05
C GLU C 62 1.29 -44.03 10.14
N PRO C 63 1.99 -42.91 10.34
CA PRO C 63 3.15 -42.60 9.51
C PRO C 63 4.40 -43.30 10.04
N PRO C 64 5.43 -43.43 9.22
CA PRO C 64 6.67 -44.05 9.69
C PRO C 64 7.38 -43.16 10.71
N GLN C 65 8.31 -43.77 11.43
CA GLN C 65 9.12 -43.04 12.41
C GLN C 65 10.19 -42.18 11.75
N TYR C 66 10.51 -42.41 10.48
CA TYR C 66 11.49 -41.58 9.79
C TYR C 66 10.93 -40.22 9.44
N MET C 67 9.65 -40.15 9.07
CA MET C 67 9.01 -38.87 8.82
C MET C 67 8.93 -38.04 10.09
N ILE C 68 8.67 -38.69 11.22
CA ILE C 68 8.60 -37.97 12.49
C ILE C 68 9.99 -37.53 12.93
N ASP C 69 11.00 -38.39 12.69
CA ASP C 69 12.37 -38.02 13.03
C ASP C 69 12.86 -36.87 12.15
N LEU C 70 12.51 -36.88 10.87
CA LEU C 70 12.88 -35.77 9.99
C LEU C 70 12.16 -34.49 10.40
N TYR C 71 10.96 -34.61 10.97
CA TYR C 71 10.27 -33.42 11.47
C TYR C 71 11.00 -32.82 12.66
N ASN C 72 11.35 -33.65 13.64
CA ASN C 72 12.06 -33.17 14.82
C ASN C 72 13.44 -32.62 14.47
N ARG C 73 14.02 -33.05 13.35
CA ARG C 73 15.31 -32.52 12.94
C ARG C 73 15.19 -31.10 12.38
N TYR C 74 14.07 -30.82 11.70
CA TYR C 74 13.91 -29.52 11.06
C TYR C 74 13.50 -28.45 12.06
N THR C 75 12.63 -28.78 13.01
CA THR C 75 12.14 -27.79 13.95
C THR C 75 13.15 -27.46 15.04
N SER C 76 13.91 -28.46 15.49
CA SER C 76 14.80 -28.25 16.63
C SER C 76 15.92 -27.28 16.30
N ASP C 77 16.64 -27.52 15.20
CA ASP C 77 17.76 -26.66 14.86
C ASP C 77 17.29 -25.27 14.44
N LYS C 78 16.14 -25.19 13.76
CA LYS C 78 15.62 -23.94 13.20
C LYS C 78 16.60 -23.29 12.22
N SER C 79 17.61 -24.05 11.78
CA SER C 79 18.59 -23.54 10.83
C SER C 79 19.02 -24.61 9.83
N THR C 80 18.29 -25.72 9.73
CA THR C 80 18.64 -26.74 8.76
C THR C 80 18.56 -26.20 7.33
N THR C 81 17.50 -25.45 7.03
CA THR C 81 17.27 -24.88 5.70
C THR C 81 17.43 -25.94 4.61
N PRO C 82 16.57 -26.95 4.58
CA PRO C 82 16.73 -28.03 3.60
C PRO C 82 16.51 -27.51 2.18
N ALA C 83 17.10 -28.25 1.22
CA ALA C 83 17.08 -27.81 -0.17
C ALA C 83 15.67 -27.83 -0.75
N SER C 84 14.80 -28.70 -0.25
CA SER C 84 13.44 -28.84 -0.78
C SER C 84 12.45 -28.78 0.38
N ASN C 85 11.37 -28.02 0.19
CA ASN C 85 10.41 -27.79 1.25
C ASN C 85 9.40 -28.90 1.41
N ILE C 86 9.15 -29.69 0.36
CA ILE C 86 8.13 -30.73 0.37
C ILE C 86 8.81 -32.09 0.48
N VAL C 87 8.31 -32.92 1.40
CA VAL C 87 8.77 -34.28 1.57
C VAL C 87 7.55 -35.18 1.75
N ARG C 88 7.45 -36.23 0.94
CA ARG C 88 6.33 -37.15 0.96
C ARG C 88 6.79 -38.57 1.23
N SER C 89 5.87 -39.37 1.76
CA SER C 89 6.16 -40.75 2.14
C SER C 89 5.04 -41.65 1.61
N PHE C 90 5.32 -42.36 0.51
CA PHE C 90 4.36 -43.25 -0.11
C PHE C 90 4.58 -44.68 0.37
N SER C 91 3.50 -45.35 0.73
CA SER C 91 3.57 -46.73 1.20
C SER C 91 3.53 -47.72 0.04
N HIS C 109 11.58 -60.30 -4.17
CA HIS C 109 10.29 -60.11 -4.83
C HIS C 109 10.31 -58.82 -5.66
N ILE C 110 9.18 -58.54 -6.33
CA ILE C 110 9.02 -57.33 -7.13
C ILE C 110 7.57 -56.88 -6.97
N LEU C 111 7.38 -55.63 -6.52
CA LEU C 111 6.05 -55.08 -6.28
C LEU C 111 6.10 -53.61 -6.67
N LEU C 112 4.99 -52.90 -6.48
CA LEU C 112 4.88 -51.53 -6.93
C LEU C 112 3.97 -50.74 -5.99
N PHE C 113 4.01 -49.42 -6.15
CA PHE C 113 3.18 -48.52 -5.36
C PHE C 113 2.64 -47.41 -6.25
N ASN C 114 1.50 -46.85 -5.83
CA ASN C 114 0.82 -45.79 -6.56
C ASN C 114 1.27 -44.44 -5.99
N ILE C 115 1.99 -43.68 -6.81
CA ILE C 115 2.61 -42.43 -6.38
C ILE C 115 2.13 -41.31 -7.30
N SER C 116 1.86 -40.15 -6.73
CA SER C 116 1.39 -38.99 -7.48
C SER C 116 2.08 -37.74 -6.96
N ILE C 117 2.88 -37.11 -7.82
CA ILE C 117 3.53 -35.84 -7.49
C ILE C 117 2.75 -34.72 -8.17
N PRO C 118 2.73 -33.50 -7.62
CA PRO C 118 1.96 -32.43 -8.25
C PRO C 118 2.53 -32.01 -9.59
N ARG C 119 1.70 -31.31 -10.36
CA ARG C 119 2.07 -30.93 -11.73
C ARG C 119 3.04 -29.76 -11.76
N HIS C 120 2.74 -28.70 -11.00
CA HIS C 120 3.54 -27.49 -11.05
C HIS C 120 4.87 -27.61 -10.34
N GLU C 121 5.00 -28.53 -9.39
CA GLU C 121 6.22 -28.65 -8.63
C GLU C 121 7.27 -29.48 -9.38
N GLN C 122 8.53 -29.25 -9.05
CA GLN C 122 9.66 -29.96 -9.63
C GLN C 122 10.23 -30.92 -8.60
N ILE C 123 10.45 -32.16 -9.00
CA ILE C 123 10.97 -33.18 -8.10
C ILE C 123 12.46 -32.97 -7.90
N THR C 124 12.93 -33.17 -6.66
CA THR C 124 14.33 -33.02 -6.32
C THR C 124 15.04 -34.36 -6.18
N ARG C 125 14.55 -35.21 -5.28
CA ARG C 125 15.21 -36.47 -4.96
C ARG C 125 14.17 -37.54 -4.67
N ALA C 126 14.57 -38.79 -4.87
CA ALA C 126 13.73 -39.94 -4.56
C ALA C 126 14.60 -41.04 -3.98
N GLU C 127 14.09 -41.72 -2.95
CA GLU C 127 14.83 -42.77 -2.26
C GLU C 127 13.89 -43.92 -1.95
N LEU C 128 14.23 -45.11 -2.43
CA LEU C 128 13.44 -46.31 -2.14
C LEU C 128 13.90 -46.89 -0.81
N ARG C 129 13.06 -46.78 0.21
CA ARG C 129 13.39 -47.27 1.53
C ARG C 129 12.27 -48.15 2.10
N TRP C 180 16.79 -51.75 6.37
CA TRP C 180 16.50 -50.46 5.76
C TRP C 180 17.76 -49.84 5.14
N GLU C 181 17.66 -49.43 3.88
CA GLU C 181 18.76 -48.81 3.15
C GLU C 181 18.21 -47.70 2.27
N THR C 182 19.11 -47.01 1.59
CA THR C 182 18.76 -45.87 0.74
C THR C 182 19.21 -46.15 -0.69
N LEU C 183 18.28 -46.01 -1.64
CA LEU C 183 18.56 -46.22 -3.05
C LEU C 183 18.04 -45.02 -3.83
N GLU C 184 18.95 -44.28 -4.47
CA GLU C 184 18.58 -43.11 -5.25
C GLU C 184 17.91 -43.54 -6.55
N VAL C 185 16.60 -43.78 -6.49
CA VAL C 185 15.83 -44.20 -7.65
C VAL C 185 15.11 -42.99 -8.23
N SER C 186 15.81 -41.85 -8.32
CA SER C 186 15.19 -40.62 -8.81
C SER C 186 14.86 -40.68 -10.30
N SER C 187 15.56 -41.52 -11.07
CA SER C 187 15.33 -41.55 -12.52
C SER C 187 13.97 -42.15 -12.85
N ALA C 188 13.56 -43.20 -12.13
CA ALA C 188 12.30 -43.86 -12.45
C ALA C 188 11.09 -43.04 -12.00
N VAL C 189 11.19 -42.35 -10.86
CA VAL C 189 10.06 -41.62 -10.31
C VAL C 189 9.64 -40.46 -11.19
N LYS C 190 10.53 -39.97 -12.07
CA LYS C 190 10.16 -38.88 -12.95
C LYS C 190 9.08 -39.30 -13.94
N ARG C 191 9.04 -40.58 -14.30
CA ARG C 191 8.00 -41.13 -15.16
C ARG C 191 7.02 -42.00 -14.38
N TRP C 192 7.51 -43.06 -13.75
CA TRP C 192 6.66 -43.93 -12.95
C TRP C 192 6.99 -43.80 -11.47
N PRO C 230 8.53 -50.65 3.24
CA PRO C 230 7.80 -50.34 2.00
C PRO C 230 7.41 -48.87 1.92
N PHE C 231 8.28 -47.99 2.38
CA PHE C 231 8.02 -46.55 2.43
C PHE C 231 9.07 -45.83 1.59
N PHE C 232 8.70 -45.48 0.36
CA PHE C 232 9.56 -44.68 -0.50
C PHE C 232 9.37 -43.20 -0.18
N VAL C 233 10.48 -42.47 -0.06
CA VAL C 233 10.46 -41.06 0.31
C VAL C 233 10.83 -40.23 -0.91
N VAL C 234 10.07 -39.18 -1.18
CA VAL C 234 10.27 -38.30 -2.33
C VAL C 234 10.50 -36.89 -1.83
N PHE C 235 11.43 -36.18 -2.46
CA PHE C 235 11.74 -34.80 -2.16
C PHE C 235 11.40 -33.94 -3.36
N SER C 236 10.60 -32.90 -3.14
CA SER C 236 10.14 -32.04 -4.23
C SER C 236 10.09 -30.59 -3.75
N ASN C 237 9.89 -29.69 -4.70
CA ASN C 237 9.82 -28.26 -4.42
C ASN C 237 9.05 -27.57 -5.53
N ASP C 238 8.44 -26.44 -5.20
CA ASP C 238 7.67 -25.66 -6.17
C ASP C 238 8.59 -24.99 -7.18
N PRO D 10 -9.25 -27.75 -14.91
CA PRO D 10 -10.47 -28.45 -14.54
C PRO D 10 -11.34 -27.66 -13.56
N LEU D 11 -12.47 -27.15 -14.03
CA LEU D 11 -13.38 -26.38 -13.21
C LEU D 11 -14.73 -27.09 -13.11
N VAL D 12 -15.37 -26.95 -11.96
CA VAL D 12 -16.63 -27.63 -11.68
C VAL D 12 -17.69 -26.58 -11.35
N THR D 13 -18.92 -26.84 -11.78
CA THR D 13 -20.05 -25.96 -11.48
C THR D 13 -20.75 -26.49 -10.22
N CYS D 14 -21.07 -25.58 -9.30
CA CYS D 14 -21.64 -25.95 -8.01
C CYS D 14 -22.90 -25.13 -7.74
N THR D 15 -23.78 -25.71 -6.92
CA THR D 15 -24.96 -24.99 -6.45
C THR D 15 -24.53 -23.85 -5.53
N CYS D 16 -25.19 -22.70 -5.71
CA CYS D 16 -24.83 -21.49 -4.97
C CYS D 16 -26.07 -20.99 -4.22
N GLU D 17 -26.16 -21.40 -2.95
CA GLU D 17 -27.19 -20.91 -2.03
C GLU D 17 -26.48 -20.30 -0.84
N SER D 18 -26.22 -18.99 -0.92
CA SER D 18 -25.44 -18.28 0.09
C SER D 18 -25.53 -16.77 -0.16
N PRO D 19 -25.35 -15.93 0.86
CA PRO D 19 -25.34 -14.49 0.61
C PRO D 19 -24.17 -14.04 -0.25
N HIS D 20 -23.06 -14.78 -0.23
CA HIS D 20 -21.90 -14.44 -1.06
C HIS D 20 -22.11 -14.77 -2.52
N CYS D 21 -23.23 -15.40 -2.88
CA CYS D 21 -23.45 -15.83 -4.25
C CYS D 21 -23.90 -14.67 -5.14
N LYS D 22 -23.40 -14.69 -6.37
CA LYS D 22 -23.82 -13.76 -7.42
C LYS D 22 -24.43 -14.60 -8.54
N GLY D 23 -25.64 -15.09 -8.30
CA GLY D 23 -26.29 -16.01 -9.21
C GLY D 23 -26.59 -17.33 -8.54
N PRO D 24 -27.32 -18.21 -9.25
CA PRO D 24 -27.71 -19.48 -8.63
C PRO D 24 -26.65 -20.56 -8.66
N THR D 25 -25.61 -20.40 -9.48
CA THR D 25 -24.51 -21.35 -9.54
C THR D 25 -23.19 -20.60 -9.61
N CYS D 26 -22.11 -21.32 -9.31
CA CYS D 26 -20.76 -20.79 -9.44
C CYS D 26 -19.88 -21.86 -10.07
N ARG D 27 -18.67 -21.45 -10.44
CA ARG D 27 -17.64 -22.36 -10.92
C ARG D 27 -16.42 -22.26 -10.04
N GLY D 28 -15.86 -23.41 -9.67
CA GLY D 28 -14.71 -23.42 -8.79
C GLY D 28 -13.99 -24.75 -8.87
N ALA D 29 -12.94 -24.87 -8.04
CA ALA D 29 -12.15 -26.09 -8.02
C ALA D 29 -12.91 -27.25 -7.40
N TRP D 30 -13.78 -26.97 -6.43
CA TRP D 30 -14.63 -28.00 -5.84
C TRP D 30 -15.90 -27.33 -5.31
N CYS D 31 -16.83 -28.17 -4.86
CA CYS D 31 -18.11 -27.72 -4.32
C CYS D 31 -18.11 -27.90 -2.80
N THR D 32 -18.81 -27.00 -2.11
CA THR D 32 -18.83 -27.00 -0.65
C THR D 32 -20.24 -26.84 -0.12
N VAL D 33 -20.49 -27.51 1.00
CA VAL D 33 -21.66 -27.28 1.84
C VAL D 33 -21.15 -27.13 3.27
N VAL D 34 -21.37 -25.96 3.86
CA VAL D 34 -20.80 -25.62 5.16
C VAL D 34 -21.93 -25.23 6.11
N LEU D 35 -21.93 -25.85 7.28
CA LEU D 35 -22.90 -25.56 8.34
C LEU D 35 -22.13 -25.02 9.54
N VAL D 36 -22.33 -23.74 9.84
CA VAL D 36 -21.55 -23.04 10.86
C VAL D 36 -22.49 -22.62 11.98
N ARG D 37 -22.02 -22.77 13.22
CA ARG D 37 -22.73 -22.30 14.40
C ARG D 37 -21.75 -21.60 15.33
N GLU D 38 -21.88 -20.28 15.47
CA GLU D 38 -21.11 -19.58 16.48
C GLU D 38 -21.64 -19.97 17.86
N GLU D 39 -20.76 -19.84 18.87
CA GLU D 39 -21.08 -20.33 20.21
C GLU D 39 -22.37 -19.71 20.76
N GLY D 40 -22.67 -18.47 20.41
CA GLY D 40 -23.83 -17.80 20.95
C GLY D 40 -25.03 -17.70 20.03
N ARG D 41 -24.82 -17.83 18.72
CA ARG D 41 -25.83 -17.50 17.72
C ARG D 41 -26.44 -18.75 17.11
N HIS D 42 -27.46 -18.52 16.29
CA HIS D 42 -28.15 -19.57 15.56
C HIS D 42 -27.28 -20.08 14.42
N PRO D 43 -27.36 -21.37 14.10
CA PRO D 43 -26.52 -21.92 13.02
C PRO D 43 -27.00 -21.49 11.63
N GLN D 44 -26.04 -21.42 10.71
CA GLN D 44 -26.29 -21.08 9.30
C GLN D 44 -25.64 -22.10 8.38
N GLU D 45 -26.20 -22.22 7.17
CA GLU D 45 -25.72 -23.16 6.17
C GLU D 45 -25.52 -22.45 4.84
N HIS D 46 -24.34 -22.63 4.25
CA HIS D 46 -24.00 -22.04 2.96
C HIS D 46 -23.63 -23.13 1.96
N ARG D 47 -23.86 -22.83 0.68
CA ARG D 47 -23.50 -23.74 -0.40
C ARG D 47 -22.86 -22.93 -1.53
N GLY D 48 -21.68 -23.36 -1.97
CA GLY D 48 -20.96 -22.60 -2.97
C GLY D 48 -19.72 -23.32 -3.44
N CYS D 49 -18.86 -22.57 -4.12
CA CYS D 49 -17.62 -23.07 -4.68
C CYS D 49 -16.44 -22.80 -3.76
N GLY D 50 -15.41 -23.63 -3.88
CA GLY D 50 -14.18 -23.44 -3.13
C GLY D 50 -12.97 -23.51 -4.03
N ASN D 51 -12.00 -22.63 -3.77
CA ASN D 51 -10.82 -22.51 -4.62
C ASN D 51 -9.51 -22.39 -3.87
N LEU D 52 -9.49 -21.94 -2.62
CA LEU D 52 -8.26 -21.53 -1.95
C LEU D 52 -7.77 -22.52 -0.91
N HIS D 53 -8.61 -22.88 0.06
CA HIS D 53 -8.18 -23.61 1.25
C HIS D 53 -8.79 -25.02 1.23
N ARG D 54 -8.08 -25.95 0.59
CA ARG D 54 -8.51 -27.34 0.54
C ARG D 54 -8.41 -28.02 1.91
N GLU D 55 -7.62 -27.46 2.83
CA GLU D 55 -7.45 -28.08 4.15
C GLU D 55 -8.76 -28.18 4.90
N LEU D 56 -9.68 -27.23 4.70
CA LEU D 56 -10.96 -27.26 5.38
C LEU D 56 -11.75 -28.54 5.09
N CYS D 57 -11.57 -29.10 3.90
CA CYS D 57 -12.28 -30.33 3.55
C CYS D 57 -11.81 -31.52 4.39
N ARG D 58 -10.54 -31.52 4.78
CA ARG D 58 -9.95 -32.62 5.53
C ARG D 58 -10.28 -32.56 7.02
N GLY D 59 -10.84 -31.46 7.50
CA GLY D 59 -11.09 -31.32 8.92
C GLY D 59 -12.23 -32.21 9.40
N ARG D 60 -12.13 -32.62 10.66
CA ARG D 60 -13.19 -33.39 11.30
C ARG D 60 -14.31 -32.45 11.75
N PRO D 61 -15.57 -32.85 11.58
CA PRO D 61 -16.67 -31.98 12.03
C PRO D 61 -16.66 -31.82 13.54
N THR D 62 -16.95 -30.60 13.98
CA THR D 62 -17.04 -30.27 15.39
C THR D 62 -18.48 -29.86 15.72
N GLU D 63 -18.68 -29.39 16.95
CA GLU D 63 -19.98 -28.87 17.34
C GLU D 63 -20.25 -27.49 16.77
N PHE D 64 -19.29 -26.88 16.08
CA PHE D 64 -19.42 -25.54 15.54
C PHE D 64 -19.47 -25.49 14.02
N VAL D 65 -18.71 -26.32 13.33
CA VAL D 65 -18.58 -26.23 11.87
C VAL D 65 -18.61 -27.62 11.26
N ASN D 66 -19.29 -27.73 10.11
CA ASN D 66 -19.34 -28.96 9.32
C ASN D 66 -19.03 -28.55 7.87
N HIS D 67 -17.78 -28.74 7.46
CA HIS D 67 -17.31 -28.29 6.15
C HIS D 67 -17.20 -29.51 5.23
N TYR D 68 -18.14 -29.61 4.29
CA TYR D 68 -18.24 -30.74 3.38
C TYR D 68 -17.85 -30.31 1.97
N CYS D 69 -17.11 -31.17 1.27
CA CYS D 69 -16.66 -30.89 -0.08
C CYS D 69 -16.91 -32.08 -1.00
N CYS D 70 -17.05 -31.80 -2.29
CA CYS D 70 -17.19 -32.83 -3.31
C CYS D 70 -16.73 -32.26 -4.64
N ASP D 71 -16.37 -33.16 -5.56
CA ASP D 71 -15.67 -32.77 -6.78
C ASP D 71 -16.49 -33.00 -8.05
N SER D 72 -17.79 -33.24 -7.93
CA SER D 72 -18.62 -33.51 -9.10
C SER D 72 -19.47 -32.28 -9.46
N HIS D 73 -19.99 -32.30 -10.68
CA HIS D 73 -20.84 -31.22 -11.15
C HIS D 73 -22.16 -31.21 -10.39
N LEU D 74 -22.44 -30.10 -9.69
CA LEU D 74 -23.66 -29.95 -8.90
C LEU D 74 -23.81 -31.03 -7.84
N CYS D 75 -22.68 -31.50 -7.30
CA CYS D 75 -22.72 -32.54 -6.27
C CYS D 75 -23.19 -32.02 -4.92
N ASN D 76 -23.14 -30.71 -4.69
CA ASN D 76 -23.49 -30.12 -3.41
C ASN D 76 -24.95 -29.69 -3.32
N HIS D 77 -25.80 -30.22 -4.20
CA HIS D 77 -27.17 -29.70 -4.30
C HIS D 77 -28.06 -30.20 -3.16
N ASN D 78 -28.15 -31.51 -2.99
CA ASN D 78 -29.14 -32.12 -2.11
C ASN D 78 -28.55 -32.84 -0.90
N VAL D 79 -27.26 -32.66 -0.64
CA VAL D 79 -26.61 -33.35 0.48
C VAL D 79 -27.02 -32.68 1.78
N SER D 80 -27.22 -33.48 2.82
CA SER D 80 -27.64 -32.98 4.14
C SER D 80 -26.54 -33.21 5.17
N LEU D 81 -26.38 -32.24 6.07
CA LEU D 81 -25.37 -32.29 7.11
C LEU D 81 -26.04 -32.12 8.47
N VAL D 82 -25.30 -32.49 9.53
CA VAL D 82 -25.79 -32.33 10.89
C VAL D 82 -24.71 -31.71 11.77
N LEU D 83 -25.16 -31.16 12.89
CA LEU D 83 -24.28 -30.67 13.94
C LEU D 83 -24.71 -31.34 15.25
N GLU D 84 -23.75 -31.52 16.15
CA GLU D 84 -24.03 -32.21 17.41
C GLU D 84 -23.09 -31.70 18.49
N ALA D 85 -23.64 -31.44 19.67
CA ALA D 85 -22.81 -31.04 20.81
C ALA D 85 -22.01 -32.23 21.34
N THR D 86 -22.68 -33.36 21.55
CA THR D 86 -22.04 -34.59 22.03
C THR D 86 -21.28 -34.37 23.33
N SER E 6 -23.79 -6.74 4.42
CA SER E 6 -23.39 -6.94 5.82
C SER E 6 -22.15 -7.83 5.89
N HIS E 7 -21.51 -8.04 4.74
CA HIS E 7 -20.30 -8.84 4.64
C HIS E 7 -19.18 -7.99 4.06
N CYS E 8 -17.94 -8.47 4.23
CA CYS E 8 -16.77 -7.71 3.81
C CYS E 8 -16.82 -7.41 2.32
N GLN E 9 -16.92 -6.12 2.00
CA GLN E 9 -16.98 -5.66 0.61
C GLN E 9 -16.48 -4.23 0.58
N LYS E 10 -16.28 -3.73 -0.64
CA LYS E 10 -15.79 -2.37 -0.85
C LYS E 10 -16.96 -1.44 -1.10
N THR E 11 -17.00 -0.33 -0.36
CA THR E 11 -18.08 0.64 -0.44
C THR E 11 -17.54 1.99 -0.90
N SER E 12 -18.43 2.80 -1.46
CA SER E 12 -18.05 4.12 -1.92
C SER E 12 -17.84 5.07 -0.74
N LEU E 13 -16.79 5.89 -0.84
CA LEU E 13 -16.52 6.92 0.14
C LEU E 13 -15.87 8.10 -0.58
N ARG E 14 -16.56 9.24 -0.59
CA ARG E 14 -16.05 10.43 -1.25
C ARG E 14 -15.41 11.33 -0.20
N VAL E 15 -14.13 11.63 -0.38
CA VAL E 15 -13.35 12.42 0.57
C VAL E 15 -13.22 13.83 0.02
N ASN E 16 -13.75 14.80 0.76
CA ASN E 16 -13.63 16.21 0.42
C ASN E 16 -12.55 16.83 1.30
N PHE E 17 -11.44 17.22 0.69
CA PHE E 17 -10.26 17.64 1.46
C PHE E 17 -10.52 18.83 2.36
N GLU E 18 -11.56 19.64 2.07
CA GLU E 18 -11.89 20.74 2.96
C GLU E 18 -12.38 20.24 4.32
N ASP E 19 -12.94 19.04 4.37
CA ASP E 19 -13.45 18.50 5.64
C ASP E 19 -12.32 18.14 6.59
N ILE E 20 -11.16 17.72 6.05
CA ILE E 20 -10.04 17.31 6.89
C ILE E 20 -8.96 18.38 6.99
N GLY E 21 -9.17 19.55 6.37
CA GLY E 21 -8.21 20.63 6.44
C GLY E 21 -7.05 20.52 5.48
N TRP E 22 -7.10 19.61 4.51
CA TRP E 22 -6.04 19.47 3.52
C TRP E 22 -6.25 20.35 2.30
N ASP E 23 -7.31 21.16 2.29
CA ASP E 23 -7.53 22.09 1.17
C ASP E 23 -6.48 23.19 1.13
N SER E 24 -5.72 23.39 2.21
CA SER E 24 -4.74 24.47 2.24
C SER E 24 -3.58 24.19 1.29
N TRP E 25 -3.16 22.94 1.19
CA TRP E 25 -2.01 22.59 0.36
C TRP E 25 -2.36 21.76 -0.87
N ILE E 26 -3.51 21.09 -0.88
CA ILE E 26 -3.96 20.35 -2.05
C ILE E 26 -4.65 21.32 -3.01
N ILE E 27 -4.14 21.44 -4.23
CA ILE E 27 -4.72 22.33 -5.22
C ILE E 27 -5.82 21.63 -6.01
N ALA E 28 -5.54 20.42 -6.51
CA ALA E 28 -6.51 19.63 -7.24
C ALA E 28 -6.15 18.17 -7.08
N PRO E 29 -7.14 17.27 -6.93
CA PRO E 29 -8.59 17.56 -6.95
C PRO E 29 -9.13 18.08 -5.63
N LYS E 30 -10.31 18.71 -5.68
CA LYS E 30 -10.96 19.18 -4.46
C LYS E 30 -11.57 18.02 -3.67
N GLU E 31 -12.08 17.01 -4.36
CA GLU E 31 -12.58 15.80 -3.72
C GLU E 31 -12.33 14.63 -4.66
N TYR E 32 -12.34 13.42 -4.09
CA TYR E 32 -12.06 12.24 -4.89
C TYR E 32 -12.68 11.03 -4.20
N GLU E 33 -12.65 9.91 -4.91
CA GLU E 33 -13.27 8.66 -4.46
C GLU E 33 -12.18 7.75 -3.88
N ALA E 34 -12.14 7.66 -2.56
CA ALA E 34 -11.30 6.70 -1.85
C ALA E 34 -12.23 5.76 -1.11
N TYR E 35 -12.30 4.50 -1.55
CA TYR E 35 -13.32 3.59 -1.07
C TYR E 35 -13.05 3.19 0.39
N GLU E 36 -13.99 2.43 0.94
CA GLU E 36 -13.90 1.92 2.29
C GLU E 36 -14.29 0.44 2.29
N CYS E 37 -13.74 -0.32 3.23
CA CYS E 37 -14.03 -1.74 3.37
C CYS E 37 -14.94 -1.91 4.59
N LYS E 38 -16.22 -2.14 4.34
CA LYS E 38 -17.20 -2.37 5.40
C LYS E 38 -17.66 -3.82 5.38
N GLY E 39 -18.26 -4.23 6.50
CA GLY E 39 -18.79 -5.56 6.65
C GLY E 39 -17.92 -6.43 7.54
N GLY E 40 -18.49 -7.55 7.94
CA GLY E 40 -17.83 -8.48 8.84
C GLY E 40 -17.23 -9.66 8.11
N CYS E 41 -16.35 -10.37 8.82
CA CYS E 41 -15.68 -11.57 8.30
C CYS E 41 -16.27 -12.77 9.03
N PHE E 42 -17.36 -13.31 8.47
CA PHE E 42 -18.08 -14.41 9.08
C PHE E 42 -17.74 -15.71 8.34
N PHE E 43 -17.43 -16.76 9.09
CA PHE E 43 -17.17 -18.05 8.47
C PHE E 43 -18.45 -18.60 7.86
N PRO E 44 -18.39 -19.18 6.65
CA PRO E 44 -17.17 -19.34 5.84
C PRO E 44 -16.77 -18.06 5.09
N LEU E 45 -15.47 -17.79 5.07
CA LEU E 45 -14.95 -16.59 4.41
C LEU E 45 -14.88 -16.81 2.91
N ALA E 46 -15.41 -15.86 2.15
CA ALA E 46 -15.50 -16.01 0.70
C ALA E 46 -14.11 -16.00 0.06
N ASP E 47 -14.07 -16.49 -1.18
CA ASP E 47 -12.80 -16.55 -1.90
C ASP E 47 -12.37 -15.17 -2.38
N ASP E 48 -13.32 -14.35 -2.86
CA ASP E 48 -12.99 -13.00 -3.28
C ASP E 48 -12.44 -12.16 -2.14
N VAL E 49 -12.71 -12.56 -0.89
CA VAL E 49 -12.09 -11.95 0.26
C VAL E 49 -10.61 -12.32 0.35
N THR E 50 -10.23 -13.45 -0.23
CA THR E 50 -8.85 -13.95 -0.21
C THR E 50 -8.30 -14.04 1.22
N PRO E 51 -8.89 -14.88 2.07
CA PRO E 51 -8.39 -14.99 3.44
C PRO E 51 -7.05 -15.71 3.49
N THR E 52 -6.25 -15.34 4.47
CA THR E 52 -4.98 -16.01 4.72
C THR E 52 -5.20 -17.21 5.63
N LYS E 53 -4.16 -18.05 5.73
CA LYS E 53 -4.25 -19.22 6.59
C LYS E 53 -4.49 -18.82 8.04
N HIS E 54 -3.82 -17.75 8.49
CA HIS E 54 -4.04 -17.26 9.85
C HIS E 54 -5.47 -16.74 10.03
N ALA E 55 -6.03 -16.14 8.98
CA ALA E 55 -7.40 -15.64 9.06
C ALA E 55 -8.38 -16.79 9.25
N ILE E 56 -8.13 -17.93 8.60
CA ILE E 56 -8.99 -19.10 8.76
C ILE E 56 -8.85 -19.66 10.18
N VAL E 57 -7.62 -19.78 10.66
CA VAL E 57 -7.38 -20.36 11.98
C VAL E 57 -8.06 -19.52 13.07
N GLN E 58 -7.81 -18.20 13.06
CA GLN E 58 -8.38 -17.34 14.09
C GLN E 58 -9.90 -17.32 14.04
N THR E 59 -10.48 -17.45 12.85
CA THR E 59 -11.94 -17.45 12.73
C THR E 59 -12.54 -18.70 13.34
N LEU E 60 -11.95 -19.87 13.06
CA LEU E 60 -12.46 -21.11 13.64
C LEU E 60 -12.29 -21.12 15.15
N VAL E 61 -11.17 -20.61 15.66
CA VAL E 61 -10.99 -20.50 17.10
C VAL E 61 -11.98 -19.50 17.68
N HIS E 62 -12.25 -18.42 16.96
CA HIS E 62 -13.22 -17.43 17.44
C HIS E 62 -14.60 -18.04 17.61
N LEU E 63 -14.96 -18.98 16.73
CA LEU E 63 -16.28 -19.61 16.82
C LEU E 63 -16.47 -20.31 18.16
N LYS E 64 -15.39 -20.86 18.71
CA LYS E 64 -15.48 -21.55 20.01
C LYS E 64 -15.39 -20.57 21.18
N PHE E 65 -14.52 -19.56 21.07
CA PHE E 65 -14.30 -18.58 22.14
C PHE E 65 -14.57 -17.18 21.59
N PRO E 66 -15.84 -16.81 21.41
CA PRO E 66 -16.12 -15.48 20.83
C PRO E 66 -15.71 -14.33 21.74
N THR E 67 -15.65 -14.54 23.05
CA THR E 67 -15.28 -13.47 23.97
C THR E 67 -13.77 -13.34 24.14
N LYS E 68 -13.02 -14.42 23.98
CA LYS E 68 -11.57 -14.37 24.13
C LYS E 68 -10.87 -14.01 22.82
N VAL E 69 -11.30 -14.58 21.71
CA VAL E 69 -10.71 -14.31 20.41
C VAL E 69 -11.74 -13.62 19.53
N GLY E 70 -11.25 -12.74 18.64
CA GLY E 70 -12.10 -11.98 17.77
C GLY E 70 -11.94 -12.41 16.30
N LYS E 71 -12.88 -11.94 15.49
CA LYS E 71 -12.88 -12.26 14.07
C LYS E 71 -11.78 -11.50 13.34
N ALA E 72 -11.47 -11.97 12.13
CA ALA E 72 -10.63 -11.19 11.24
C ALA E 72 -11.37 -9.92 10.81
N CYS E 73 -10.59 -8.91 10.44
CA CYS E 73 -11.15 -7.61 10.08
CA CYS E 73 -11.13 -7.60 10.09
C CYS E 73 -11.14 -7.41 8.57
N CYS E 74 -12.12 -6.64 8.09
CA CYS E 74 -12.26 -6.34 6.68
C CYS E 74 -11.47 -5.06 6.39
N VAL E 75 -10.36 -5.21 5.67
CA VAL E 75 -9.44 -4.09 5.47
C VAL E 75 -9.06 -4.03 3.99
N PRO E 76 -8.56 -2.87 3.54
CA PRO E 76 -8.04 -2.78 2.17
C PRO E 76 -6.80 -3.63 2.00
N THR E 77 -6.81 -4.49 0.98
CA THR E 77 -5.69 -5.37 0.71
C THR E 77 -4.85 -4.94 -0.48
N LYS E 78 -5.30 -3.93 -1.23
CA LYS E 78 -4.54 -3.37 -2.34
C LYS E 78 -4.96 -1.92 -2.52
N LEU E 79 -3.98 -1.05 -2.74
CA LEU E 79 -4.23 0.38 -2.84
C LEU E 79 -3.79 0.90 -4.20
N SER E 80 -4.59 1.80 -4.77
CA SER E 80 -4.33 2.40 -6.06
C SER E 80 -3.92 3.86 -5.91
N PRO E 81 -3.01 4.35 -6.73
CA PRO E 81 -2.61 5.76 -6.66
C PRO E 81 -3.52 6.67 -7.46
N ILE E 82 -3.44 7.96 -7.16
CA ILE E 82 -4.16 8.99 -7.89
C ILE E 82 -3.18 10.11 -8.22
N SER E 83 -3.58 10.96 -9.17
CA SER E 83 -2.80 12.12 -9.54
C SER E 83 -3.27 13.33 -8.74
N VAL E 84 -2.33 14.08 -8.18
CA VAL E 84 -2.65 15.24 -7.35
C VAL E 84 -1.64 16.35 -7.61
N LEU E 85 -2.12 17.59 -7.53
CA LEU E 85 -1.30 18.79 -7.66
C LEU E 85 -1.37 19.55 -6.35
N TYR E 86 -0.22 19.79 -5.73
CA TYR E 86 -0.19 20.32 -4.38
C TYR E 86 0.97 21.30 -4.25
N LYS E 87 1.18 21.78 -3.03
CA LYS E 87 2.32 22.62 -2.68
C LYS E 87 3.12 21.92 -1.59
N ASP E 88 4.44 21.89 -1.75
CA ASP E 88 5.28 21.20 -0.78
C ASP E 88 5.54 22.10 0.43
N ASP E 89 6.54 21.75 1.25
CA ASP E 89 6.84 22.53 2.45
C ASP E 89 7.24 23.95 2.09
N MET E 90 8.04 24.12 1.05
CA MET E 90 8.50 25.44 0.62
C MET E 90 7.46 26.21 -0.18
N GLY E 91 6.40 25.56 -0.63
CA GLY E 91 5.39 26.21 -1.44
C GLY E 91 5.50 25.99 -2.93
N VAL E 92 6.43 25.15 -3.38
CA VAL E 92 6.63 24.88 -4.79
C VAL E 92 5.46 24.06 -5.32
N PRO E 93 4.73 24.55 -6.32
CA PRO E 93 3.65 23.74 -6.91
C PRO E 93 4.20 22.46 -7.51
N THR E 94 3.83 21.33 -6.93
CA THR E 94 4.30 20.03 -7.38
C THR E 94 3.12 19.20 -7.89
N LEU E 95 3.34 18.48 -8.97
CA LEU E 95 2.33 17.62 -9.57
C LEU E 95 2.88 16.21 -9.62
N LYS E 96 2.23 15.30 -8.88
CA LYS E 96 2.60 13.89 -8.87
C LYS E 96 1.54 13.09 -9.62
N TYR E 97 1.97 12.33 -10.62
CA TYR E 97 1.04 11.54 -11.41
C TYR E 97 0.54 10.32 -10.64
N HIS E 98 1.39 9.73 -9.79
CA HIS E 98 1.04 8.53 -9.03
C HIS E 98 1.30 8.79 -7.54
N TYR E 99 0.35 9.46 -6.89
CA TYR E 99 0.36 9.62 -5.44
C TYR E 99 -0.18 8.33 -4.83
N GLU E 100 0.72 7.47 -4.38
CA GLU E 100 0.36 6.09 -4.03
C GLU E 100 -0.38 6.02 -2.71
N GLY E 101 -1.18 4.96 -2.57
CA GLY E 101 -1.86 4.66 -1.32
C GLY E 101 -3.09 5.48 -1.03
N MET E 102 -3.70 6.08 -2.05
CA MET E 102 -4.83 6.99 -1.83
C MET E 102 -6.19 6.34 -1.99
N SER E 103 -6.30 5.28 -2.79
CA SER E 103 -7.60 4.67 -3.10
C SER E 103 -7.53 3.17 -2.92
N VAL E 104 -8.67 2.59 -2.51
CA VAL E 104 -8.75 1.16 -2.22
C VAL E 104 -8.99 0.40 -3.52
N ALA E 105 -8.09 -0.51 -3.85
CA ALA E 105 -8.28 -1.38 -5.02
C ALA E 105 -9.08 -2.62 -4.66
N GLU E 106 -8.79 -3.26 -3.53
CA GLU E 106 -9.46 -4.49 -3.13
C GLU E 106 -9.61 -4.50 -1.62
N CYS E 107 -10.61 -5.26 -1.15
CA CYS E 107 -10.81 -5.52 0.27
C CYS E 107 -10.54 -6.99 0.55
N GLY E 108 -10.41 -7.31 1.83
CA GLY E 108 -10.17 -8.69 2.25
C GLY E 108 -10.24 -8.79 3.76
N CYS E 109 -10.18 -10.03 4.23
CA CYS E 109 -10.18 -10.32 5.66
C CYS E 109 -8.79 -10.75 6.09
N ARG E 110 -8.23 -10.05 7.07
CA ARG E 110 -6.91 -10.34 7.57
C ARG E 110 -6.94 -10.45 9.09
N GLU F 62 -0.64 31.67 -5.73
CA GLU F 62 -1.42 31.07 -6.80
C GLU F 62 -0.53 30.34 -7.80
N PRO F 63 -0.86 29.09 -8.09
CA PRO F 63 -0.05 28.31 -9.04
C PRO F 63 -0.34 28.74 -10.46
N PRO F 64 0.62 28.55 -11.37
CA PRO F 64 0.38 28.91 -12.77
C PRO F 64 -0.69 28.04 -13.41
N GLN F 65 -1.43 28.63 -14.33
CA GLN F 65 -2.44 27.88 -15.08
C GLN F 65 -1.84 26.75 -15.89
N TYR F 66 -0.55 26.84 -16.23
CA TYR F 66 0.10 25.77 -16.98
C TYR F 66 0.12 24.48 -16.18
N MET F 67 0.32 24.55 -14.87
CA MET F 67 0.33 23.36 -14.04
C MET F 67 -1.06 22.75 -13.94
N ILE F 68 -2.10 23.58 -13.85
CA ILE F 68 -3.47 23.08 -13.76
C ILE F 68 -3.86 22.38 -15.05
N ASP F 69 -3.55 23.00 -16.19
CA ASP F 69 -3.85 22.38 -17.48
C ASP F 69 -3.05 21.10 -17.67
N LEU F 70 -1.80 21.08 -17.18
CA LEU F 70 -1.00 19.87 -17.24
C LEU F 70 -1.62 18.77 -16.38
N TYR F 71 -2.24 19.14 -15.26
CA TYR F 71 -2.93 18.16 -14.43
C TYR F 71 -4.15 17.61 -15.15
N ASN F 72 -4.94 18.47 -15.79
CA ASN F 72 -6.11 18.01 -16.52
C ASN F 72 -5.71 17.16 -17.71
N ARG F 73 -4.53 17.38 -18.27
CA ARG F 73 -4.04 16.52 -19.34
C ARG F 73 -3.58 15.17 -18.79
N TYR F 74 -3.07 15.14 -17.55
CA TYR F 74 -2.67 13.88 -16.94
C TYR F 74 -3.88 13.02 -16.62
N THR F 75 -4.99 13.63 -16.19
CA THR F 75 -6.15 12.86 -15.79
C THR F 75 -6.88 12.29 -17.00
N SER F 76 -7.06 13.08 -18.04
CA SER F 76 -7.77 12.61 -19.22
C SER F 76 -6.95 11.55 -19.95
N ASP F 77 -7.65 10.55 -20.48
CA ASP F 77 -7.00 9.44 -21.16
C ASP F 77 -6.33 9.88 -22.46
N THR F 80 -2.11 9.47 -20.61
CA THR F 80 -1.58 8.50 -21.56
C THR F 80 -0.17 8.06 -21.18
N THR F 81 -0.01 7.64 -19.92
CA THR F 81 1.26 7.19 -19.35
C THR F 81 2.37 8.21 -19.59
N PRO F 82 2.45 9.27 -18.80
CA PRO F 82 3.52 10.25 -18.98
C PRO F 82 4.88 9.68 -18.61
N ALA F 83 5.92 10.18 -19.27
CA ALA F 83 7.27 9.74 -19.02
C ALA F 83 7.92 10.45 -17.82
N SER F 84 7.32 11.52 -17.33
CA SER F 84 7.82 12.26 -16.18
C SER F 84 6.87 12.05 -15.01
N ASN F 85 7.40 11.47 -13.92
CA ASN F 85 6.57 11.17 -12.76
C ASN F 85 6.33 12.40 -11.89
N ILE F 86 7.31 13.30 -11.79
CA ILE F 86 7.21 14.48 -10.94
C ILE F 86 7.37 15.72 -11.81
N VAL F 87 6.56 16.74 -11.53
CA VAL F 87 6.62 18.02 -12.23
C VAL F 87 6.54 19.12 -11.18
N ARG F 88 7.52 20.02 -11.18
CA ARG F 88 7.57 21.13 -10.25
C ARG F 88 7.61 22.45 -11.01
N SER F 89 7.12 23.50 -10.36
CA SER F 89 7.01 24.83 -10.97
C SER F 89 7.72 25.84 -10.08
N PHE F 90 8.73 26.51 -10.64
CA PHE F 90 9.53 27.48 -9.92
C PHE F 90 9.31 28.86 -10.53
N SER F 91 8.84 29.81 -9.72
CA SER F 91 8.59 31.16 -10.19
C SER F 91 9.88 31.97 -10.15
N MET F 92 9.79 33.19 -10.67
CA MET F 92 10.93 34.10 -10.74
C MET F 92 11.08 34.89 -9.46
N GLU F 93 12.32 35.02 -8.98
CA GLU F 93 12.61 35.76 -7.76
C GLU F 93 12.81 37.24 -8.03
N ASP F 94 13.70 37.59 -8.95
CA ASP F 94 14.01 38.98 -9.25
C ASP F 94 14.46 39.11 -10.69
N ALA F 95 14.29 40.32 -11.24
CA ALA F 95 14.63 40.58 -12.63
C ALA F 95 15.19 41.99 -12.75
N ILE F 96 16.18 42.16 -13.64
CA ILE F 96 16.84 43.44 -13.85
C ILE F 96 16.88 43.71 -15.34
N SER F 97 16.31 44.83 -15.76
CA SER F 97 16.33 45.25 -17.16
C SER F 97 17.59 46.03 -17.48
N ILE F 98 18.06 45.91 -18.71
CA ILE F 98 19.30 46.52 -19.16
C ILE F 98 19.00 47.40 -20.37
N THR F 99 19.46 48.64 -20.32
CA THR F 99 19.27 49.58 -21.42
C THR F 99 20.62 50.07 -21.95
N PHE F 104 20.87 49.18 -25.88
CA PHE F 104 20.68 50.07 -27.03
C PHE F 104 20.33 49.33 -28.33
N PRO F 105 21.08 48.28 -28.70
CA PRO F 105 20.71 47.56 -29.92
C PRO F 105 19.48 46.68 -29.76
N PHE F 106 19.27 46.12 -28.57
CA PHE F 106 18.13 45.26 -28.31
C PHE F 106 17.74 45.41 -26.85
N GLN F 107 16.83 44.56 -26.38
CA GLN F 107 16.32 44.60 -25.03
C GLN F 107 16.79 43.36 -24.28
N LYS F 108 17.55 43.57 -23.20
CA LYS F 108 18.15 42.49 -22.44
C LYS F 108 17.65 42.53 -21.00
N HIS F 109 17.38 41.35 -20.45
CA HIS F 109 17.00 41.19 -19.06
C HIS F 109 17.86 40.10 -18.43
N ILE F 110 18.00 40.18 -17.11
CA ILE F 110 18.70 39.16 -16.33
C ILE F 110 17.71 38.62 -15.30
N LEU F 111 17.42 37.33 -15.37
CA LEU F 111 16.41 36.70 -14.53
C LEU F 111 17.09 35.81 -13.50
N LEU F 112 16.64 35.92 -12.25
CA LEU F 112 17.15 35.11 -11.14
C LEU F 112 16.05 34.19 -10.65
N PHE F 113 16.41 32.92 -10.44
CA PHE F 113 15.48 31.90 -9.95
C PHE F 113 16.06 31.27 -8.69
N ASN F 114 15.43 30.17 -8.26
CA ASN F 114 15.91 29.38 -7.13
C ASN F 114 15.44 27.94 -7.35
N ILE F 115 16.01 27.29 -8.37
CA ILE F 115 15.70 25.89 -8.64
C ILE F 115 16.36 25.01 -7.60
N SER F 116 15.65 23.98 -7.15
CA SER F 116 16.19 23.03 -6.18
C SER F 116 15.46 21.70 -6.36
N ILE F 117 16.21 20.64 -6.60
CA ILE F 117 15.64 19.33 -6.88
C ILE F 117 16.29 18.29 -5.97
N PRO F 118 15.53 17.36 -5.39
CA PRO F 118 16.14 16.30 -4.58
C PRO F 118 17.17 15.52 -5.39
N ARG F 119 18.28 15.17 -4.73
CA ARG F 119 19.41 14.58 -5.42
C ARG F 119 19.10 13.18 -5.95
N HIS F 120 18.24 12.43 -5.27
CA HIS F 120 17.95 11.06 -5.70
C HIS F 120 17.13 11.03 -6.99
N GLU F 121 16.47 12.12 -7.35
CA GLU F 121 15.72 12.18 -8.59
C GLU F 121 16.64 12.52 -9.75
N GLN F 122 16.25 12.10 -10.95
CA GLN F 122 16.99 12.38 -12.17
C GLN F 122 16.15 13.26 -13.08
N ILE F 123 16.74 14.36 -13.56
CA ILE F 123 16.01 15.31 -14.38
C ILE F 123 15.82 14.73 -15.78
N THR F 124 14.61 14.85 -16.30
CA THR F 124 14.31 14.43 -17.67
C THR F 124 14.07 15.59 -18.62
N ARG F 125 13.56 16.72 -18.14
CA ARG F 125 13.28 17.86 -19.00
C ARG F 125 13.12 19.11 -18.14
N ALA F 126 13.51 20.25 -18.71
CA ALA F 126 13.37 21.55 -18.05
C ALA F 126 12.93 22.58 -19.07
N GLU F 127 11.83 23.28 -18.77
CA GLU F 127 11.27 24.28 -19.66
C GLU F 127 11.39 25.67 -19.06
N LEU F 128 11.37 26.68 -19.93
CA LEU F 128 11.31 28.07 -19.52
C LEU F 128 10.14 28.73 -20.25
N ARG F 129 9.20 29.27 -19.49
CA ARG F 129 7.98 29.84 -20.04
C ARG F 129 8.07 31.36 -20.02
N LEU F 130 7.99 31.97 -21.20
CA LEU F 130 8.03 33.42 -21.34
C LEU F 130 6.80 33.90 -22.08
N TYR F 131 6.51 35.19 -21.96
CA TYR F 131 5.36 35.83 -22.60
C TYR F 131 5.84 37.06 -23.33
N VAL F 132 5.81 37.02 -24.67
CA VAL F 132 6.30 38.10 -25.52
C VAL F 132 5.11 38.76 -26.22
N SER F 133 5.16 40.08 -26.33
CA SER F 133 4.12 40.87 -26.97
C SER F 133 4.67 42.29 -27.16
N CYS F 134 3.83 43.17 -27.70
CA CYS F 134 4.18 44.58 -27.80
C CYS F 134 2.93 45.44 -27.72
N GLN F 135 3.14 46.75 -27.62
CA GLN F 135 2.06 47.72 -27.63
C GLN F 135 1.64 48.05 -29.05
N ASN F 136 0.38 48.45 -29.21
CA ASN F 136 -0.21 48.76 -30.51
C ASN F 136 -0.09 47.57 -31.46
N HIS F 137 -0.78 46.51 -31.08
CA HIS F 137 -0.77 45.27 -31.85
C HIS F 137 -1.51 45.44 -33.18
N SER F 141 -1.06 39.87 -38.70
CA SER F 141 0.21 39.66 -39.38
C SER F 141 0.62 38.18 -39.36
N HIS F 142 0.53 37.58 -38.17
CA HIS F 142 0.87 36.17 -37.96
C HIS F 142 2.30 35.86 -38.40
N ASP F 143 3.17 36.87 -38.38
CA ASP F 143 4.53 36.66 -38.90
C ASP F 143 5.53 37.72 -38.47
N LEU F 144 5.26 38.50 -37.41
CA LEU F 144 6.24 39.46 -36.95
C LEU F 144 7.51 38.76 -36.50
N LYS F 145 8.65 39.20 -37.05
CA LYS F 145 9.93 38.50 -36.86
C LYS F 145 10.56 38.96 -35.55
N GLY F 146 10.57 38.07 -34.56
CA GLY F 146 11.28 38.30 -33.33
C GLY F 146 12.18 37.13 -33.01
N SER F 147 12.99 37.31 -31.96
CA SER F 147 13.92 36.25 -31.56
C SER F 147 14.28 36.43 -30.09
N VAL F 148 14.32 35.32 -29.36
CA VAL F 148 14.75 35.29 -27.97
C VAL F 148 16.01 34.46 -27.87
N VAL F 149 17.07 35.04 -27.31
CA VAL F 149 18.33 34.35 -27.06
C VAL F 149 18.56 34.33 -25.56
N ILE F 150 19.01 33.19 -25.04
CA ILE F 150 19.13 32.97 -23.61
C ILE F 150 20.53 32.42 -23.32
N TYR F 151 21.18 32.99 -22.31
CA TYR F 151 22.51 32.57 -21.88
C TYR F 151 22.50 32.20 -20.41
N ASP F 152 23.38 31.28 -20.03
CA ASP F 152 23.57 30.88 -18.63
C ASP F 152 24.70 31.71 -18.04
N VAL F 153 24.39 32.46 -16.99
CA VAL F 153 25.34 33.40 -16.40
C VAL F 153 26.22 32.66 -15.40
N LEU F 154 27.52 32.92 -15.46
CA LEU F 154 28.49 32.30 -14.55
C LEU F 154 29.28 33.32 -13.75
N ASP F 155 29.88 34.32 -14.40
CA ASP F 155 30.69 35.30 -13.69
C ASP F 155 30.80 36.56 -14.53
N GLY F 156 31.21 37.64 -13.89
CA GLY F 156 31.38 38.93 -14.55
C GLY F 156 32.68 39.61 -14.22
N THR F 166 31.35 34.94 -17.18
CA THR F 166 31.11 34.66 -18.59
C THR F 166 29.77 33.96 -18.79
N LYS F 167 29.20 34.10 -19.99
CA LYS F 167 27.93 33.49 -20.33
C LYS F 167 28.15 32.19 -21.09
N THR F 168 27.03 31.49 -21.36
CA THR F 168 27.05 30.24 -22.11
C THR F 168 25.75 30.12 -22.89
N PHE F 169 25.86 29.82 -24.18
CA PHE F 169 24.69 29.78 -25.04
C PHE F 169 23.77 28.62 -24.69
N LEU F 170 22.47 28.90 -24.68
CA LEU F 170 21.46 27.87 -24.42
C LEU F 170 20.58 27.65 -25.65
N VAL F 171 19.74 28.63 -26.02
CA VAL F 171 18.82 28.49 -27.14
C VAL F 171 18.72 29.83 -27.87
N SER F 172 18.16 29.76 -29.09
CA SER F 172 17.80 30.94 -29.87
C SER F 172 16.54 30.59 -30.64
N GLN F 173 15.43 31.20 -30.25
CA GLN F 173 14.11 30.85 -30.78
C GLN F 173 13.53 32.02 -31.55
N ASP F 174 13.09 31.75 -32.78
CA ASP F 174 12.38 32.77 -33.56
C ASP F 174 10.96 32.92 -33.02
N ILE F 175 10.47 34.16 -33.01
CA ILE F 175 9.13 34.48 -32.55
C ILE F 175 8.27 34.81 -33.76
N GLN F 176 7.06 34.24 -33.80
CA GLN F 176 6.15 34.44 -34.90
C GLN F 176 4.87 35.18 -34.52
N ASP F 177 4.47 35.13 -33.25
CA ASP F 177 3.26 35.80 -32.79
C ASP F 177 3.36 36.00 -31.29
N GLU F 178 2.48 36.84 -30.77
CA GLU F 178 2.45 37.10 -29.34
C GLU F 178 1.86 35.90 -28.59
N GLY F 179 2.18 35.83 -27.30
CA GLY F 179 1.69 34.78 -26.43
C GLY F 179 2.82 34.12 -25.69
N TRP F 180 2.51 32.96 -25.10
CA TRP F 180 3.49 32.21 -24.32
C TRP F 180 4.41 31.41 -25.24
N GLU F 181 5.63 31.18 -24.76
CA GLU F 181 6.63 30.40 -25.48
C GLU F 181 7.30 29.43 -24.52
N THR F 182 7.61 28.23 -25.02
CA THR F 182 8.28 27.20 -24.25
C THR F 182 9.67 26.99 -24.82
N LEU F 183 10.69 27.21 -24.01
CA LEU F 183 12.09 27.10 -24.42
C LEU F 183 12.79 26.06 -23.55
N GLU F 184 13.30 25.01 -24.19
CA GLU F 184 13.97 23.95 -23.45
C GLU F 184 15.35 24.42 -22.99
N VAL F 185 15.62 24.28 -21.70
CA VAL F 185 16.91 24.65 -21.12
C VAL F 185 17.30 23.59 -20.10
N SER F 186 17.32 22.33 -20.52
CA SER F 186 17.55 21.23 -19.58
C SER F 186 18.98 21.23 -19.06
N SER F 187 19.95 21.56 -19.91
CA SER F 187 21.36 21.45 -19.52
C SER F 187 21.70 22.45 -18.43
N ALA F 188 21.11 23.65 -18.47
CA ALA F 188 21.41 24.65 -17.45
C ALA F 188 20.88 24.21 -16.09
N VAL F 189 19.67 23.65 -16.05
CA VAL F 189 19.10 23.20 -14.78
C VAL F 189 19.90 22.03 -14.22
N LYS F 190 20.33 21.11 -15.09
CA LYS F 190 21.14 19.99 -14.64
C LYS F 190 22.44 20.48 -13.99
N ARG F 191 23.04 21.52 -14.55
CA ARG F 191 24.23 22.10 -13.93
C ARG F 191 23.89 22.81 -12.62
N TRP F 192 22.68 23.37 -12.53
CA TRP F 192 22.28 24.04 -11.29
C TRP F 192 22.05 23.04 -10.16
N VAL F 193 21.39 21.93 -10.47
CA VAL F 193 21.09 20.93 -9.44
C VAL F 193 22.39 20.31 -8.92
N ARG F 194 23.18 19.72 -9.82
CA ARG F 194 24.48 19.15 -9.45
C ARG F 194 25.57 20.22 -9.49
N SER F 195 25.43 21.19 -8.58
CA SER F 195 26.27 22.38 -8.55
C SER F 195 27.65 22.00 -8.06
N ASP F 196 28.47 21.54 -9.00
CA ASP F 196 29.84 21.18 -8.73
C ASP F 196 30.82 22.30 -9.06
N SER F 197 30.40 23.31 -9.84
CA SER F 197 31.29 24.40 -10.20
C SER F 197 31.39 25.43 -9.07
N SER F 200 28.49 29.89 -10.10
CA SER F 200 27.21 30.57 -9.94
C SER F 200 26.09 29.80 -10.64
N LYS F 201 24.86 30.04 -10.21
CA LYS F 201 23.71 29.34 -10.75
C LYS F 201 22.46 30.18 -10.49
N ASN F 202 21.32 29.69 -11.00
CA ASN F 202 20.02 30.33 -10.81
C ASN F 202 19.98 31.75 -11.38
N LYS F 203 20.67 31.95 -12.49
CA LYS F 203 20.69 33.25 -13.15
C LYS F 203 20.90 33.04 -14.64
N LEU F 204 20.10 33.76 -15.45
CA LEU F 204 20.23 33.69 -16.90
C LEU F 204 19.81 35.02 -17.49
N GLU F 205 20.42 35.35 -18.63
CA GLU F 205 20.16 36.61 -19.33
C GLU F 205 19.42 36.33 -20.62
N VAL F 206 18.31 37.02 -20.83
CA VAL F 206 17.44 36.82 -21.99
C VAL F 206 17.41 38.11 -22.79
N THR F 207 17.79 38.03 -24.07
CA THR F 207 17.75 39.16 -24.98
C THR F 207 16.68 38.93 -26.03
N VAL F 208 15.96 39.99 -26.38
CA VAL F 208 14.86 39.92 -27.34
C VAL F 208 15.07 40.99 -28.39
N GLU F 209 14.90 40.62 -29.67
CA GLU F 209 15.03 41.55 -30.78
C GLU F 209 13.79 41.47 -31.65
N SER F 210 13.46 42.60 -32.28
CA SER F 210 12.40 42.67 -33.27
C SER F 210 12.96 43.21 -34.58
N HIS F 211 12.36 42.78 -35.69
CA HIS F 211 12.91 43.08 -37.01
C HIS F 211 11.92 43.84 -37.90
N ARG F 212 10.78 43.25 -38.23
CA ARG F 212 9.88 43.82 -39.22
C ARG F 212 9.08 44.97 -38.64
N LYS F 213 8.25 45.59 -39.50
CA LYS F 213 7.49 46.77 -39.13
C LYS F 213 6.14 46.48 -38.51
N GLY F 214 5.68 45.22 -38.56
CA GLY F 214 4.41 44.87 -37.94
C GLY F 214 4.36 45.13 -36.44
N CYS F 215 5.53 45.24 -35.80
CA CYS F 215 5.66 45.62 -34.39
C CYS F 215 7.10 46.08 -34.13
N ASP F 216 7.25 47.36 -33.77
CA ASP F 216 8.58 47.96 -33.74
C ASP F 216 9.47 47.31 -32.68
N THR F 217 9.04 47.36 -31.42
CA THR F 217 9.78 46.75 -30.32
C THR F 217 8.88 45.75 -29.60
N LEU F 218 9.47 44.64 -29.17
CA LEU F 218 8.74 43.64 -28.40
C LEU F 218 9.68 43.04 -27.36
N ASP F 219 9.09 42.61 -26.25
CA ASP F 219 9.87 42.15 -25.10
C ASP F 219 9.04 41.17 -24.30
N ILE F 220 9.69 40.56 -23.31
CA ILE F 220 9.01 39.67 -22.38
C ILE F 220 8.32 40.50 -21.31
N SER F 221 7.26 39.94 -20.72
CA SER F 221 6.53 40.62 -19.65
C SER F 221 7.35 40.53 -18.37
N VAL F 222 7.81 41.67 -17.88
CA VAL F 222 8.66 41.76 -16.69
C VAL F 222 7.85 42.52 -15.64
N PRO F 223 8.05 42.27 -14.34
CA PRO F 223 7.28 42.98 -13.32
C PRO F 223 7.46 44.48 -13.43
N PRO F 224 6.37 45.25 -13.31
CA PRO F 224 6.39 46.71 -13.41
C PRO F 224 6.98 47.38 -12.17
N ARG F 227 2.14 40.87 -14.54
CA ARG F 227 1.02 39.93 -14.55
C ARG F 227 1.46 38.56 -15.04
N ASN F 228 1.94 38.50 -16.28
CA ASN F 228 2.38 37.25 -16.88
C ASN F 228 3.90 37.10 -16.71
N LEU F 229 4.30 36.90 -15.46
CA LEU F 229 5.72 36.77 -15.14
C LEU F 229 6.24 35.41 -15.61
N PRO F 230 7.54 35.30 -15.88
CA PRO F 230 8.10 34.02 -16.34
C PRO F 230 8.35 33.07 -15.18
N PHE F 231 8.44 31.78 -15.53
CA PHE F 231 8.66 30.74 -14.54
C PHE F 231 9.28 29.53 -15.20
N PHE F 232 9.83 28.65 -14.37
CA PHE F 232 10.44 27.39 -14.80
C PHE F 232 9.48 26.23 -14.56
N VAL F 233 9.67 25.16 -15.33
CA VAL F 233 8.95 23.92 -15.16
C VAL F 233 9.94 22.77 -15.33
N VAL F 234 10.16 22.02 -14.26
CA VAL F 234 11.15 20.93 -14.24
C VAL F 234 10.41 19.60 -14.22
N PHE F 235 10.79 18.70 -15.12
CA PHE F 235 10.26 17.35 -15.16
C PHE F 235 11.32 16.39 -14.63
N SER F 236 10.92 15.54 -13.69
CA SER F 236 11.88 14.65 -13.05
C SER F 236 11.21 13.33 -12.70
N ASN F 237 12.02 12.29 -12.59
CA ASN F 237 11.57 10.96 -12.18
C ASN F 237 12.31 10.53 -10.92
N ASP F 238 11.62 9.73 -10.10
CA ASP F 238 12.18 9.27 -8.83
C ASP F 238 12.85 7.91 -9.03
N HIS F 239 14.01 7.96 -9.70
CA HIS F 239 14.79 6.76 -9.97
C HIS F 239 16.09 6.75 -9.19
#